data_3EWA
#
_entry.id   3EWA
#
_cell.length_a   81.100
_cell.length_b   81.100
_cell.length_c   107.200
_cell.angle_alpha   90.00
_cell.angle_beta   90.00
_cell.angle_gamma   120.00
#
_symmetry.space_group_name_H-M   'P 61'
#
loop_
_entity.id
_entity.type
_entity.pdbx_description
1 polymer 'DNA repair and recombination protein radA'
2 non-polymer 'PHOSPHOAMINOPHOSPHONIC ACID-ADENYLATE ESTER'
3 non-polymer 'MAGNESIUM ION'
4 water water
#
_entity_poly.entity_id   1
_entity_poly.type   'polypeptide(L)'
_entity_poly.pdbx_seq_one_letter_code
;MADVLTELPGVGPSTADKLIEGGYLDFMKIATATIGELTDIEGISEKAAAKMIMAARDLCDLGFKSGVELLKQRQSVWRL
STGSTELDTVLAGGIESQSVTEFAGMFGSGKTQIMHQTCVNLQMREKIFADLEGVVEEELEAPKAVYIDTEGTFRPERVV
QMAEGAGIDGQTVLDNTFVARAYNSDMQMLFAEKIEDLIKGGNNIKLVIIDSLTSTFRNEFTGRGKLAERQQKLGRHMAT
LNKLADLYNCIVLVTNQVAAKPDAYFGVAEQAIGGHVVGHAATFRFFLRKSKGDKRVAKLYDSPHLPDSEAVFRITEKGI
QD
;
_entity_poly.pdbx_strand_id   A
#
# COMPACT_ATOMS: atom_id res chain seq x y z
N ALA A 2 -5.63 -16.61 -9.49
CA ALA A 2 -5.86 -17.67 -8.47
C ALA A 2 -5.05 -18.92 -8.80
N ASP A 3 -3.82 -18.96 -8.28
CA ASP A 3 -2.88 -20.06 -8.46
C ASP A 3 -2.98 -21.04 -9.65
N VAL A 4 -4.13 -21.65 -9.88
CA VAL A 4 -4.25 -22.61 -10.99
C VAL A 4 -4.50 -22.01 -12.37
N LEU A 5 -3.42 -21.57 -13.03
CA LEU A 5 -3.51 -20.96 -14.35
C LEU A 5 -4.02 -21.88 -15.45
N THR A 6 -3.92 -23.19 -15.21
CA THR A 6 -4.39 -24.13 -16.21
C THR A 6 -5.91 -24.16 -16.31
N GLU A 7 -6.57 -23.42 -15.42
CA GLU A 7 -8.03 -23.33 -15.44
C GLU A 7 -8.43 -22.28 -16.47
N LEU A 8 -7.44 -21.55 -16.99
CA LEU A 8 -7.69 -20.52 -18.00
C LEU A 8 -7.88 -21.16 -19.37
N PRO A 9 -9.03 -20.90 -20.01
CA PRO A 9 -9.21 -21.50 -21.33
C PRO A 9 -8.05 -21.17 -22.27
N GLY A 10 -7.67 -22.14 -23.08
CA GLY A 10 -6.56 -21.95 -24.01
C GLY A 10 -5.18 -22.05 -23.38
N VAL A 11 -5.12 -22.23 -22.06
CA VAL A 11 -3.84 -22.33 -21.37
C VAL A 11 -3.53 -23.73 -20.83
N GLY A 12 -2.58 -24.40 -21.48
CA GLY A 12 -2.18 -25.73 -21.06
C GLY A 12 -1.04 -25.72 -20.06
N PRO A 13 -0.49 -26.89 -19.71
CA PRO A 13 0.61 -26.97 -18.74
C PRO A 13 1.90 -26.28 -19.20
N SER A 14 2.22 -26.41 -20.49
CA SER A 14 3.43 -25.80 -21.01
C SER A 14 3.38 -24.28 -20.84
N THR A 15 2.27 -23.68 -21.27
CA THR A 15 2.10 -22.24 -21.16
C THR A 15 2.13 -21.79 -19.70
N ALA A 16 1.40 -22.50 -18.85
CA ALA A 16 1.34 -22.16 -17.43
C ALA A 16 2.74 -22.02 -16.86
N ASP A 17 3.66 -22.86 -17.33
CA ASP A 17 5.04 -22.83 -16.86
C ASP A 17 5.74 -21.57 -17.36
N LYS A 18 5.60 -21.29 -18.65
CA LYS A 18 6.22 -20.11 -19.24
C LYS A 18 5.71 -18.85 -18.54
N LEU A 19 4.47 -18.90 -18.08
CA LEU A 19 3.85 -17.77 -17.39
C LEU A 19 4.38 -17.53 -15.98
N ILE A 20 4.37 -18.56 -15.15
CA ILE A 20 4.87 -18.42 -13.79
C ILE A 20 6.30 -17.87 -13.78
N GLU A 21 7.10 -18.29 -14.75
CA GLU A 21 8.49 -17.83 -14.84
C GLU A 21 8.48 -16.32 -14.96
N GLY A 22 7.66 -15.82 -15.88
CA GLY A 22 7.55 -14.38 -16.11
C GLY A 22 6.91 -13.64 -14.96
N GLY A 23 6.64 -14.35 -13.87
CA GLY A 23 6.04 -13.70 -12.72
C GLY A 23 4.53 -13.60 -12.71
N TYR A 24 3.86 -14.32 -13.60
CA TYR A 24 2.40 -14.29 -13.65
C TYR A 24 1.84 -15.53 -12.95
N LEU A 25 1.31 -15.34 -11.75
CA LEU A 25 0.75 -16.46 -11.00
C LEU A 25 -0.66 -16.22 -10.49
N ASP A 26 -1.29 -15.15 -10.98
CA ASP A 26 -2.65 -14.82 -10.58
C ASP A 26 -3.47 -14.40 -11.80
N PHE A 27 -4.73 -14.81 -11.84
CA PHE A 27 -5.63 -14.48 -12.94
C PHE A 27 -5.68 -12.97 -13.21
N MET A 28 -5.84 -12.18 -12.15
CA MET A 28 -5.93 -10.74 -12.26
C MET A 28 -4.72 -10.10 -12.92
N LYS A 29 -3.53 -10.63 -12.63
CA LYS A 29 -2.31 -10.10 -13.20
C LYS A 29 -2.29 -10.25 -14.72
N ILE A 30 -2.83 -11.37 -15.21
CA ILE A 30 -2.89 -11.62 -16.64
C ILE A 30 -3.99 -10.80 -17.30
N ALA A 31 -5.11 -10.68 -16.61
CA ALA A 31 -6.24 -9.92 -17.12
C ALA A 31 -5.93 -8.44 -17.28
N THR A 32 -4.96 -7.93 -16.52
CA THR A 32 -4.60 -6.52 -16.58
C THR A 32 -3.28 -6.29 -17.31
N ALA A 33 -2.78 -7.31 -17.99
CA ALA A 33 -1.53 -7.21 -18.71
C ALA A 33 -1.75 -6.70 -20.13
N THR A 34 -0.66 -6.42 -20.83
CA THR A 34 -0.74 -5.95 -22.21
C THR A 34 -0.10 -7.02 -23.09
N ILE A 35 -0.55 -7.11 -24.34
CA ILE A 35 -0.01 -8.11 -25.25
C ILE A 35 1.51 -8.01 -25.30
N GLY A 36 2.03 -6.80 -25.10
CA GLY A 36 3.47 -6.61 -25.14
C GLY A 36 4.23 -7.31 -24.03
N GLU A 37 3.86 -7.05 -22.78
CA GLU A 37 4.53 -7.68 -21.64
C GLU A 37 4.36 -9.19 -21.58
N LEU A 38 3.33 -9.71 -22.22
CA LEU A 38 3.11 -11.15 -22.24
C LEU A 38 3.98 -11.77 -23.33
N THR A 39 4.08 -11.09 -24.46
CA THR A 39 4.91 -11.58 -25.56
C THR A 39 6.38 -11.48 -25.23
N ASP A 40 6.70 -10.76 -24.16
CA ASP A 40 8.10 -10.62 -23.74
C ASP A 40 8.58 -11.92 -23.13
N ILE A 41 7.65 -12.86 -22.95
CA ILE A 41 7.95 -14.16 -22.37
C ILE A 41 8.20 -15.21 -23.45
N GLU A 42 9.36 -15.86 -23.37
CA GLU A 42 9.79 -16.91 -24.30
C GLU A 42 8.91 -17.15 -25.54
N GLY A 43 8.10 -18.19 -25.49
CA GLY A 43 7.24 -18.54 -26.61
C GLY A 43 5.75 -18.25 -26.44
N ILE A 44 5.42 -17.02 -26.03
CA ILE A 44 4.04 -16.62 -25.88
C ILE A 44 3.72 -15.68 -27.03
N SER A 45 2.96 -16.17 -28.00
CA SER A 45 2.60 -15.39 -29.19
C SER A 45 1.61 -14.29 -28.89
N GLU A 46 1.42 -13.40 -29.87
CA GLU A 46 0.49 -12.28 -29.75
C GLU A 46 -0.94 -12.79 -29.68
N LYS A 47 -1.26 -13.76 -30.52
CA LYS A 47 -2.61 -14.32 -30.55
C LYS A 47 -2.93 -14.97 -29.21
N ALA A 48 -1.98 -15.71 -28.66
CA ALA A 48 -2.17 -16.36 -27.37
C ALA A 48 -2.26 -15.29 -26.30
N ALA A 49 -1.29 -14.39 -26.27
CA ALA A 49 -1.26 -13.30 -25.30
C ALA A 49 -2.59 -12.57 -25.28
N ALA A 50 -3.06 -12.20 -26.47
CA ALA A 50 -4.33 -11.50 -26.60
C ALA A 50 -5.47 -12.38 -26.11
N LYS A 51 -5.41 -13.67 -26.44
CA LYS A 51 -6.45 -14.60 -26.03
C LYS A 51 -6.56 -14.83 -24.52
N MET A 52 -5.43 -15.11 -23.85
CA MET A 52 -5.49 -15.36 -22.41
C MET A 52 -5.88 -14.10 -21.64
N ILE A 53 -5.53 -12.93 -22.17
CA ILE A 53 -5.90 -11.69 -21.51
C ILE A 53 -7.43 -11.61 -21.46
N MET A 54 -8.08 -11.78 -22.62
CA MET A 54 -9.54 -11.72 -22.67
C MET A 54 -10.15 -12.83 -21.81
N ALA A 55 -9.51 -14.00 -21.79
CA ALA A 55 -10.01 -15.13 -21.00
C ALA A 55 -9.90 -14.83 -19.50
N ALA A 56 -8.79 -14.22 -19.09
CA ALA A 56 -8.59 -13.88 -17.68
C ALA A 56 -9.63 -12.86 -17.24
N ARG A 57 -9.81 -11.81 -18.04
CA ARG A 57 -10.79 -10.77 -17.72
C ARG A 57 -12.15 -11.42 -17.47
N ASP A 58 -12.58 -12.22 -18.44
CA ASP A 58 -13.86 -12.92 -18.37
C ASP A 58 -13.95 -13.79 -17.12
N LEU A 59 -12.89 -14.55 -16.87
CA LEU A 59 -12.85 -15.44 -15.71
C LEU A 59 -13.05 -14.65 -14.41
N CYS A 60 -12.43 -13.48 -14.32
CA CYS A 60 -12.54 -12.64 -13.12
C CYS A 60 -13.78 -11.75 -13.23
N ASP A 61 -14.56 -11.95 -14.27
CA ASP A 61 -15.77 -11.16 -14.49
C ASP A 61 -15.50 -9.66 -14.37
N LEU A 62 -14.59 -9.16 -15.20
CA LEU A 62 -14.25 -7.74 -15.18
C LEU A 62 -15.06 -7.02 -16.25
N GLY A 63 -16.36 -6.84 -15.99
CA GLY A 63 -17.22 -6.17 -16.94
C GLY A 63 -18.02 -5.04 -16.32
N PHE A 64 -19.17 -4.72 -16.92
CA PHE A 64 -20.00 -3.66 -16.39
C PHE A 64 -20.77 -4.17 -15.19
N LYS A 65 -20.83 -3.36 -14.14
CA LYS A 65 -21.54 -3.74 -12.91
C LYS A 65 -22.53 -2.63 -12.59
N SER A 66 -23.61 -2.97 -11.90
CA SER A 66 -24.59 -1.97 -11.51
C SER A 66 -25.41 -2.47 -10.33
N GLY A 67 -26.20 -1.57 -9.76
CA GLY A 67 -27.04 -1.92 -8.63
C GLY A 67 -26.25 -2.42 -7.44
N VAL A 68 -26.77 -3.47 -6.81
CA VAL A 68 -26.14 -4.07 -5.64
C VAL A 68 -24.70 -4.51 -5.89
N GLU A 69 -24.40 -4.91 -7.13
CA GLU A 69 -23.04 -5.34 -7.48
C GLU A 69 -22.03 -4.25 -7.12
N LEU A 70 -22.44 -2.99 -7.25
CA LEU A 70 -21.56 -1.86 -6.96
C LEU A 70 -21.19 -1.81 -5.49
N LEU A 71 -22.12 -2.19 -4.62
CA LEU A 71 -21.88 -2.20 -3.20
C LEU A 71 -21.02 -3.41 -2.83
N LYS A 72 -21.23 -4.51 -3.54
CA LYS A 72 -20.48 -5.74 -3.30
C LYS A 72 -18.99 -5.49 -3.51
N GLN A 73 -18.65 -4.82 -4.62
CA GLN A 73 -17.25 -4.52 -4.93
C GLN A 73 -16.57 -3.75 -3.82
N ARG A 74 -17.34 -2.88 -3.17
CA ARG A 74 -16.85 -2.05 -2.10
C ARG A 74 -16.65 -2.83 -0.80
N GLN A 75 -17.29 -3.99 -0.70
CA GLN A 75 -17.17 -4.81 0.50
C GLN A 75 -15.83 -5.54 0.55
N SER A 76 -15.11 -5.58 -0.58
CA SER A 76 -13.82 -6.27 -0.63
C SER A 76 -12.73 -5.41 0.04
N VAL A 77 -13.08 -4.17 0.37
CA VAL A 77 -12.14 -3.26 1.02
C VAL A 77 -12.19 -3.47 2.52
N TRP A 78 -11.05 -3.80 3.11
CA TRP A 78 -10.98 -3.98 4.56
C TRP A 78 -10.20 -2.79 5.12
N ARG A 79 -10.37 -2.51 6.40
CA ARG A 79 -9.69 -1.36 7.03
C ARG A 79 -8.85 -1.75 8.25
N LEU A 80 -7.80 -0.98 8.49
CA LEU A 80 -6.90 -1.21 9.62
C LEU A 80 -6.96 -0.04 10.58
N SER A 81 -7.05 -0.33 11.88
CA SER A 81 -7.09 0.72 12.90
C SER A 81 -5.75 1.41 13.04
N THR A 82 -5.79 2.71 13.30
CA THR A 82 -4.59 3.52 13.48
C THR A 82 -4.18 3.57 14.94
N GLY A 83 -5.04 3.08 15.82
CA GLY A 83 -4.75 3.11 17.23
C GLY A 83 -5.41 4.32 17.86
N SER A 84 -6.00 5.16 17.01
CA SER A 84 -6.70 6.36 17.47
C SER A 84 -8.16 6.27 17.06
N THR A 85 -9.03 6.46 18.04
CA THR A 85 -10.46 6.42 17.83
C THR A 85 -10.87 7.53 16.87
N GLU A 86 -10.48 8.75 17.19
CA GLU A 86 -10.82 9.91 16.38
C GLU A 86 -10.31 9.78 14.96
N LEU A 87 -9.09 9.26 14.80
CA LEU A 87 -8.52 9.10 13.48
C LEU A 87 -9.29 8.07 12.69
N ASP A 88 -9.58 6.93 13.31
CA ASP A 88 -10.32 5.87 12.66
C ASP A 88 -11.70 6.34 12.20
N THR A 89 -12.29 7.26 12.97
CA THR A 89 -13.61 7.80 12.64
C THR A 89 -13.53 8.71 11.41
N VAL A 90 -12.50 9.53 11.34
CA VAL A 90 -12.31 10.43 10.20
C VAL A 90 -12.10 9.57 8.95
N LEU A 91 -11.46 8.43 9.12
CA LEU A 91 -11.19 7.50 8.02
C LEU A 91 -12.43 6.68 7.71
N ALA A 92 -13.48 6.88 8.50
CA ALA A 92 -14.73 6.15 8.34
C ALA A 92 -14.49 4.67 8.59
N GLY A 93 -13.71 4.36 9.62
CA GLY A 93 -13.44 2.97 9.95
C GLY A 93 -11.97 2.68 10.19
N GLY A 94 -11.12 3.15 9.28
CA GLY A 94 -9.70 2.92 9.40
C GLY A 94 -9.07 3.07 8.02
N ILE A 95 -7.78 2.75 7.90
CA ILE A 95 -7.08 2.86 6.61
C ILE A 95 -7.58 1.78 5.65
N GLU A 96 -7.96 2.20 4.43
CA GLU A 96 -8.49 1.29 3.40
C GLU A 96 -7.47 0.54 2.56
N SER A 97 -7.77 -0.73 2.30
CA SER A 97 -6.93 -1.56 1.44
C SER A 97 -7.33 -1.11 0.03
N GLN A 98 -6.51 -1.44 -0.97
CA GLN A 98 -6.79 -1.06 -2.36
C GLN A 98 -6.61 0.44 -2.64
N SER A 99 -6.00 1.15 -1.70
CA SER A 99 -5.76 2.58 -1.88
C SER A 99 -4.42 2.97 -1.28
N VAL A 100 -4.00 4.19 -1.61
CA VAL A 100 -2.77 4.74 -1.09
C VAL A 100 -3.18 5.85 -0.13
N THR A 101 -2.70 5.81 1.10
CA THR A 101 -3.02 6.86 2.05
C THR A 101 -1.70 7.53 2.43
N GLU A 102 -1.72 8.84 2.39
CA GLU A 102 -0.54 9.64 2.65
C GLU A 102 -0.61 10.47 3.92
N PHE A 103 0.48 10.46 4.68
CA PHE A 103 0.56 11.27 5.88
C PHE A 103 1.74 12.21 5.67
N ALA A 104 1.47 13.50 5.54
CA ALA A 104 2.52 14.49 5.36
C ALA A 104 2.53 15.35 6.59
N GLY A 105 3.65 16.02 6.83
CA GLY A 105 3.75 16.86 8.00
C GLY A 105 5.18 17.25 8.28
N MET A 106 5.35 18.19 9.19
CA MET A 106 6.67 18.65 9.56
C MET A 106 7.36 17.59 10.41
N PHE A 107 8.64 17.82 10.70
CA PHE A 107 9.40 16.88 11.51
C PHE A 107 8.69 16.69 12.84
N GLY A 108 8.83 15.49 13.40
CA GLY A 108 8.24 15.17 14.69
C GLY A 108 6.73 15.19 14.75
N SER A 109 6.04 15.29 13.62
CA SER A 109 4.59 15.32 13.64
C SER A 109 3.98 13.94 13.86
N GLY A 110 4.79 12.90 13.71
CA GLY A 110 4.32 11.55 13.95
C GLY A 110 4.14 10.61 12.76
N LYS A 111 4.65 10.99 11.59
CA LYS A 111 4.52 10.18 10.40
C LYS A 111 5.11 8.78 10.60
N THR A 112 6.34 8.70 11.10
CA THR A 112 6.98 7.40 11.31
C THR A 112 6.33 6.62 12.45
N GLN A 113 5.83 7.30 13.47
CA GLN A 113 5.17 6.62 14.58
C GLN A 113 3.97 5.85 14.06
N ILE A 114 3.15 6.51 13.23
CA ILE A 114 1.97 5.86 12.68
C ILE A 114 2.36 4.64 11.86
N MET A 115 3.40 4.77 11.06
CA MET A 115 3.86 3.65 10.25
C MET A 115 4.17 2.47 11.16
N HIS A 116 4.93 2.71 12.23
CA HIS A 116 5.30 1.65 13.16
C HIS A 116 4.10 1.01 13.84
N GLN A 117 3.14 1.84 14.26
CA GLN A 117 1.93 1.34 14.90
C GLN A 117 1.14 0.44 13.96
N THR A 118 1.03 0.81 12.68
CA THR A 118 0.28 -0.03 11.76
C THR A 118 0.89 -1.43 11.60
N CYS A 119 2.20 -1.52 11.69
CA CYS A 119 2.87 -2.81 11.59
C CYS A 119 2.42 -3.68 12.76
N VAL A 120 2.28 -3.08 13.94
CA VAL A 120 1.85 -3.79 15.13
C VAL A 120 0.37 -4.17 15.02
N ASN A 121 -0.47 -3.18 14.69
CA ASN A 121 -1.91 -3.43 14.56
C ASN A 121 -2.27 -4.51 13.54
N LEU A 122 -1.48 -4.64 12.48
CA LEU A 122 -1.74 -5.63 11.44
C LEU A 122 -1.78 -7.03 12.07
N GLN A 123 -0.98 -7.23 13.11
CA GLN A 123 -0.89 -8.53 13.79
C GLN A 123 -1.99 -8.79 14.81
N MET A 124 -2.96 -7.89 14.90
CA MET A 124 -4.09 -8.05 15.82
C MET A 124 -5.36 -8.05 15.00
N ARG A 125 -6.01 -9.21 14.88
CA ARG A 125 -7.20 -9.26 14.08
C ARG A 125 -8.30 -8.33 14.58
N GLU A 126 -8.28 -8.00 15.86
CA GLU A 126 -9.29 -7.10 16.43
C GLU A 126 -9.09 -5.69 15.86
N LYS A 127 -7.92 -5.46 15.25
CA LYS A 127 -7.60 -4.16 14.66
C LYS A 127 -7.97 -4.10 13.18
N ILE A 128 -8.33 -5.25 12.61
CA ILE A 128 -8.70 -5.32 11.20
C ILE A 128 -10.21 -5.40 11.07
N PHE A 129 -10.77 -4.52 10.25
CA PHE A 129 -12.22 -4.50 10.06
C PHE A 129 -12.52 -4.88 8.63
N ALA A 130 -13.09 -6.08 8.48
CA ALA A 130 -13.43 -6.62 7.17
C ALA A 130 -14.86 -7.13 7.11
N ASP A 131 -15.49 -6.94 5.95
CA ASP A 131 -16.85 -7.42 5.74
C ASP A 131 -16.68 -8.87 5.30
N LEU A 132 -17.22 -9.79 6.10
CA LEU A 132 -17.12 -11.22 5.80
C LEU A 132 -17.70 -11.58 4.43
N GLU A 133 -18.62 -10.76 3.94
CA GLU A 133 -19.26 -11.02 2.66
C GLU A 133 -18.42 -10.65 1.43
N GLY A 134 -17.21 -10.14 1.64
CA GLY A 134 -16.36 -9.77 0.51
C GLY A 134 -14.88 -10.04 0.74
N VAL A 135 -14.55 -10.44 1.97
CA VAL A 135 -13.18 -10.77 2.31
C VAL A 135 -13.18 -12.10 3.06
N VAL A 136 -12.74 -13.16 2.38
CA VAL A 136 -12.68 -14.49 2.99
C VAL A 136 -11.64 -14.44 4.09
N GLU A 137 -11.98 -15.02 5.24
CA GLU A 137 -11.08 -15.02 6.39
C GLU A 137 -9.66 -15.50 6.10
N GLU A 138 -9.51 -16.51 5.25
CA GLU A 138 -8.16 -17.03 4.94
C GLU A 138 -7.34 -16.02 4.14
N GLU A 139 -8.00 -14.98 3.65
CA GLU A 139 -7.32 -13.96 2.88
C GLU A 139 -6.57 -13.05 3.86
N LEU A 140 -6.99 -13.09 5.13
CA LEU A 140 -6.40 -12.28 6.20
C LEU A 140 -5.43 -13.06 7.08
N GLU A 141 -5.34 -14.38 6.87
CA GLU A 141 -4.46 -15.24 7.65
C GLU A 141 -2.97 -14.94 7.51
N ALA A 142 -2.25 -14.99 8.63
CA ALA A 142 -0.81 -14.75 8.64
C ALA A 142 -0.44 -13.52 7.82
N PRO A 143 -1.05 -12.36 8.13
CA PRO A 143 -0.75 -11.14 7.40
C PRO A 143 0.67 -10.66 7.66
N LYS A 144 1.33 -10.19 6.61
CA LYS A 144 2.70 -9.69 6.69
C LYS A 144 2.75 -8.24 6.21
N ALA A 145 3.70 -7.47 6.73
CA ALA A 145 3.87 -6.08 6.33
C ALA A 145 5.25 -5.88 5.71
N VAL A 146 5.36 -4.88 4.84
CA VAL A 146 6.62 -4.52 4.18
C VAL A 146 6.88 -3.05 4.46
N TYR A 147 8.03 -2.75 5.06
CA TYR A 147 8.38 -1.38 5.42
C TYR A 147 9.59 -0.96 4.60
N ILE A 148 9.35 -0.11 3.61
CA ILE A 148 10.46 0.36 2.79
C ILE A 148 10.97 1.64 3.45
N ASP A 149 12.05 1.49 4.20
CA ASP A 149 12.70 2.57 4.96
C ASP A 149 13.71 3.30 4.08
N THR A 150 13.39 4.53 3.71
CA THR A 150 14.28 5.30 2.85
C THR A 150 15.15 6.33 3.60
N GLU A 151 14.96 6.49 4.90
CA GLU A 151 15.74 7.45 5.66
C GLU A 151 16.56 6.76 6.75
N GLY A 152 16.26 5.50 6.99
CA GLY A 152 16.97 4.75 8.02
C GLY A 152 16.41 4.97 9.41
N THR A 153 15.12 5.31 9.50
CA THR A 153 14.52 5.55 10.79
C THR A 153 13.66 4.41 11.32
N PHE A 154 13.71 3.24 10.69
CA PHE A 154 12.92 2.12 11.19
C PHE A 154 13.55 1.72 12.53
N ARG A 155 12.71 1.52 13.53
CA ARG A 155 13.21 1.15 14.85
C ARG A 155 12.54 -0.10 15.42
N PRO A 156 13.25 -1.24 15.38
CA PRO A 156 12.74 -2.51 15.91
C PRO A 156 12.28 -2.33 17.35
N GLU A 157 13.04 -1.55 18.11
CA GLU A 157 12.76 -1.26 19.52
C GLU A 157 11.37 -0.68 19.72
N ARG A 158 11.03 0.28 18.86
CA ARG A 158 9.75 0.94 18.95
C ARG A 158 8.60 0.00 18.60
N VAL A 159 8.84 -0.88 17.63
CA VAL A 159 7.82 -1.84 17.24
C VAL A 159 7.52 -2.75 18.43
N VAL A 160 8.58 -3.26 19.06
CA VAL A 160 8.45 -4.13 20.21
C VAL A 160 7.70 -3.40 21.33
N GLN A 161 8.13 -2.17 21.61
CA GLN A 161 7.51 -1.36 22.66
C GLN A 161 6.01 -1.14 22.38
N MET A 162 5.67 -0.80 21.14
CA MET A 162 4.27 -0.58 20.78
C MET A 162 3.48 -1.89 20.90
N ALA A 163 4.14 -3.00 20.56
CA ALA A 163 3.51 -4.31 20.63
C ALA A 163 3.17 -4.59 22.10
N GLU A 164 4.13 -4.31 22.98
CA GLU A 164 3.94 -4.51 24.42
C GLU A 164 2.76 -3.65 24.84
N GLY A 165 2.80 -2.40 24.40
CA GLY A 165 1.75 -1.45 24.72
C GLY A 165 0.38 -1.92 24.28
N ALA A 166 0.35 -2.75 23.23
CA ALA A 166 -0.92 -3.26 22.72
C ALA A 166 -1.26 -4.61 23.37
N GLY A 167 -0.30 -5.16 24.11
CA GLY A 167 -0.51 -6.42 24.79
C GLY A 167 -0.17 -7.67 24.01
N ILE A 168 0.70 -7.56 23.02
CA ILE A 168 1.09 -8.74 22.24
C ILE A 168 2.60 -8.88 22.22
N ASP A 169 3.08 -9.98 21.69
CA ASP A 169 4.52 -10.23 21.63
C ASP A 169 5.21 -9.39 20.56
N GLY A 170 6.25 -8.67 20.96
CA GLY A 170 6.98 -7.85 20.02
C GLY A 170 7.72 -8.66 18.97
N GLN A 171 8.27 -9.81 19.37
CA GLN A 171 9.01 -10.65 18.43
C GLN A 171 8.11 -11.18 17.32
N THR A 172 6.85 -11.40 17.65
CA THR A 172 5.88 -11.89 16.67
C THR A 172 5.69 -10.86 15.57
N VAL A 173 5.61 -9.58 15.95
CA VAL A 173 5.44 -8.53 14.97
C VAL A 173 6.65 -8.45 14.06
N LEU A 174 7.85 -8.51 14.65
CA LEU A 174 9.08 -8.45 13.87
C LEU A 174 9.20 -9.59 12.87
N ASP A 175 8.81 -10.80 13.28
CA ASP A 175 8.90 -11.96 12.40
C ASP A 175 7.95 -11.85 11.21
N ASN A 176 6.92 -11.04 11.36
CA ASN A 176 5.93 -10.89 10.31
C ASN A 176 6.00 -9.51 9.64
N THR A 177 7.15 -8.87 9.75
CA THR A 177 7.34 -7.56 9.15
C THR A 177 8.66 -7.54 8.37
N PHE A 178 8.57 -7.30 7.07
CA PHE A 178 9.76 -7.22 6.23
C PHE A 178 10.20 -5.77 6.14
N VAL A 179 11.51 -5.53 6.26
CA VAL A 179 12.02 -4.17 6.16
C VAL A 179 13.09 -4.11 5.08
N ALA A 180 12.99 -3.10 4.23
CA ALA A 180 13.96 -2.91 3.16
C ALA A 180 14.50 -1.50 3.25
N ARG A 181 15.81 -1.38 3.48
CA ARG A 181 16.45 -0.07 3.56
C ARG A 181 16.88 0.38 2.17
N ALA A 182 16.24 1.44 1.69
CA ALA A 182 16.55 2.00 0.38
C ALA A 182 17.40 3.26 0.58
N TYR A 183 18.50 3.36 -0.15
CA TYR A 183 19.39 4.51 -0.05
C TYR A 183 19.14 5.58 -1.13
N ASN A 184 18.39 5.21 -2.16
CA ASN A 184 18.05 6.16 -3.22
C ASN A 184 16.74 5.78 -3.87
N SER A 185 16.26 6.59 -4.80
CA SER A 185 14.98 6.31 -5.46
C SER A 185 14.99 5.03 -6.28
N ASP A 186 16.13 4.69 -6.88
CA ASP A 186 16.20 3.45 -7.65
C ASP A 186 15.91 2.23 -6.78
N MET A 187 16.55 2.17 -5.61
CA MET A 187 16.31 1.04 -4.69
C MET A 187 14.90 1.05 -4.13
N GLN A 188 14.40 2.25 -3.85
CA GLN A 188 13.06 2.43 -3.32
C GLN A 188 12.06 1.82 -4.30
N MET A 189 12.15 2.24 -5.56
CA MET A 189 11.26 1.76 -6.59
C MET A 189 11.41 0.27 -6.87
N LEU A 190 12.64 -0.22 -6.88
CA LEU A 190 12.89 -1.64 -7.14
C LEU A 190 12.28 -2.49 -6.03
N PHE A 191 12.47 -2.07 -4.78
CA PHE A 191 11.90 -2.81 -3.65
C PHE A 191 10.38 -2.91 -3.79
N ALA A 192 9.74 -1.78 -4.13
CA ALA A 192 8.30 -1.77 -4.29
C ALA A 192 7.89 -2.80 -5.34
N GLU A 193 8.62 -2.84 -6.45
CA GLU A 193 8.34 -3.79 -7.52
C GLU A 193 8.61 -5.24 -7.13
N LYS A 194 9.55 -5.46 -6.22
CA LYS A 194 9.88 -6.81 -5.78
C LYS A 194 8.96 -7.36 -4.71
N ILE A 195 7.99 -6.56 -4.28
CA ILE A 195 7.07 -7.04 -3.27
C ILE A 195 6.30 -8.25 -3.83
N GLU A 196 6.15 -8.29 -5.15
CA GLU A 196 5.46 -9.40 -5.80
C GLU A 196 6.20 -10.71 -5.54
N ASP A 197 7.53 -10.66 -5.47
CA ASP A 197 8.30 -11.86 -5.22
C ASP A 197 8.01 -12.41 -3.82
N LEU A 198 7.76 -11.52 -2.86
CA LEU A 198 7.45 -11.95 -1.50
C LEU A 198 6.12 -12.68 -1.50
N ILE A 199 5.14 -12.13 -2.20
CA ILE A 199 3.82 -12.74 -2.28
C ILE A 199 3.92 -14.09 -2.98
N LYS A 200 4.68 -14.12 -4.06
CA LYS A 200 4.89 -15.35 -4.82
C LYS A 200 5.56 -16.39 -3.92
N GLY A 201 6.36 -15.91 -2.96
CA GLY A 201 7.06 -16.78 -2.05
C GLY A 201 6.21 -17.33 -0.92
N GLY A 202 4.93 -17.00 -0.91
CA GLY A 202 4.03 -17.48 0.13
C GLY A 202 3.70 -16.51 1.24
N ASN A 203 4.19 -15.28 1.13
CA ASN A 203 3.93 -14.27 2.14
C ASN A 203 2.65 -13.49 1.82
N ASN A 204 1.76 -13.37 2.79
CA ASN A 204 0.52 -12.65 2.59
C ASN A 204 0.71 -11.16 2.93
N ILE A 205 1.35 -10.44 2.03
CA ILE A 205 1.62 -9.00 2.20
C ILE A 205 0.31 -8.21 2.18
N LYS A 206 -0.07 -7.70 3.35
CA LYS A 206 -1.30 -6.92 3.46
C LYS A 206 -1.11 -5.45 3.81
N LEU A 207 0.13 -5.06 4.08
CA LEU A 207 0.47 -3.69 4.43
C LEU A 207 1.82 -3.34 3.82
N VAL A 208 1.84 -2.27 3.02
CA VAL A 208 3.05 -1.79 2.35
C VAL A 208 3.25 -0.34 2.79
N ILE A 209 4.42 -0.07 3.36
CA ILE A 209 4.76 1.25 3.85
C ILE A 209 6.00 1.80 3.15
N ILE A 210 5.92 3.05 2.70
CA ILE A 210 7.08 3.71 2.07
C ILE A 210 7.30 4.94 2.94
N ASP A 211 8.39 4.93 3.70
CA ASP A 211 8.71 6.02 4.63
C ASP A 211 10.20 6.32 4.50
N SER A 212 10.57 7.42 3.84
CA SER A 212 9.68 8.41 3.21
C SER A 212 9.47 8.20 1.70
N LEU A 213 8.33 8.65 1.20
CA LEU A 213 8.02 8.51 -0.22
C LEU A 213 8.79 9.45 -1.13
N THR A 214 9.05 10.66 -0.65
CA THR A 214 9.69 11.69 -1.46
C THR A 214 11.09 12.17 -1.09
N SER A 215 11.57 11.83 0.09
CA SER A 215 12.90 12.29 0.50
C SER A 215 13.99 12.01 -0.54
N THR A 216 14.03 10.79 -1.07
CA THR A 216 15.04 10.43 -2.06
C THR A 216 14.95 11.29 -3.33
N PHE A 217 13.77 11.32 -3.93
CA PHE A 217 13.55 12.10 -5.15
C PHE A 217 13.92 13.57 -4.98
N ARG A 218 13.50 14.18 -3.88
CA ARG A 218 13.79 15.59 -3.64
C ARG A 218 15.29 15.90 -3.57
N ASN A 219 16.08 14.93 -3.12
CA ASN A 219 17.52 15.12 -3.02
C ASN A 219 18.26 14.73 -4.30
N GLU A 220 17.60 13.97 -5.17
CA GLU A 220 18.24 13.53 -6.41
C GLU A 220 17.94 14.40 -7.62
N PHE A 221 16.87 15.19 -7.56
CA PHE A 221 16.47 16.07 -8.64
C PHE A 221 16.19 17.44 -8.03
N THR A 222 17.25 18.23 -7.85
CA THR A 222 17.14 19.53 -7.21
C THR A 222 16.79 20.71 -8.13
N GLY A 223 17.28 20.69 -9.36
CA GLY A 223 16.98 21.79 -10.27
C GLY A 223 15.53 21.88 -10.69
N ARG A 224 15.03 23.10 -10.84
CA ARG A 224 13.65 23.30 -11.27
C ARG A 224 13.54 22.86 -12.71
N GLY A 225 14.70 22.73 -13.35
CA GLY A 225 14.76 22.28 -14.73
C GLY A 225 14.80 20.77 -14.73
N LYS A 226 14.50 20.18 -13.57
CA LYS A 226 14.51 18.74 -13.41
C LYS A 226 13.19 18.30 -12.77
N LEU A 227 12.22 19.20 -12.77
CA LEU A 227 10.90 18.94 -12.21
C LEU A 227 10.19 17.84 -13.01
N ALA A 228 10.22 17.97 -14.33
CA ALA A 228 9.58 16.99 -15.20
C ALA A 228 10.21 15.61 -15.01
N GLU A 229 11.52 15.58 -14.89
CA GLU A 229 12.26 14.34 -14.69
C GLU A 229 11.74 13.67 -13.42
N ARG A 230 11.74 14.44 -12.34
CA ARG A 230 11.30 13.97 -11.03
C ARG A 230 9.88 13.43 -11.09
N GLN A 231 8.97 14.21 -11.68
CA GLN A 231 7.57 13.82 -11.77
C GLN A 231 7.33 12.51 -12.53
N GLN A 232 8.03 12.30 -13.64
CA GLN A 232 7.84 11.08 -14.41
C GLN A 232 8.21 9.83 -13.62
N LYS A 233 9.36 9.86 -12.95
CA LYS A 233 9.82 8.71 -12.18
C LYS A 233 8.90 8.44 -10.98
N LEU A 234 8.56 9.50 -10.26
CA LEU A 234 7.70 9.38 -9.11
C LEU A 234 6.33 8.85 -9.55
N GLY A 235 5.92 9.26 -10.74
CA GLY A 235 4.65 8.83 -11.30
C GLY A 235 4.61 7.33 -11.56
N ARG A 236 5.71 6.79 -12.08
CA ARG A 236 5.76 5.35 -12.33
C ARG A 236 5.76 4.61 -11.00
N HIS A 237 6.41 5.20 -10.00
CA HIS A 237 6.47 4.59 -8.67
C HIS A 237 5.05 4.52 -8.11
N MET A 238 4.34 5.64 -8.19
CA MET A 238 2.97 5.70 -7.67
C MET A 238 2.04 4.71 -8.35
N ALA A 239 2.21 4.52 -9.65
CA ALA A 239 1.38 3.59 -10.42
C ALA A 239 1.65 2.18 -9.93
N THR A 240 2.91 1.87 -9.68
CA THR A 240 3.25 0.54 -9.20
C THR A 240 2.55 0.33 -7.86
N LEU A 241 2.60 1.34 -6.99
CA LEU A 241 1.97 1.26 -5.68
C LEU A 241 0.45 1.08 -5.76
N ASN A 242 -0.21 1.91 -6.56
CA ASN A 242 -1.65 1.80 -6.68
C ASN A 242 -2.06 0.42 -7.22
N LYS A 243 -1.30 -0.11 -8.19
CA LYS A 243 -1.63 -1.41 -8.75
C LYS A 243 -1.48 -2.57 -7.78
N LEU A 244 -0.43 -2.58 -6.97
CA LEU A 244 -0.27 -3.68 -6.04
C LEU A 244 -1.33 -3.60 -4.94
N ALA A 245 -1.77 -2.39 -4.61
CA ALA A 245 -2.81 -2.21 -3.60
C ALA A 245 -4.13 -2.82 -4.09
N ASP A 246 -4.45 -2.57 -5.35
CA ASP A 246 -5.68 -3.10 -5.94
C ASP A 246 -5.58 -4.60 -6.18
N LEU A 247 -4.49 -4.99 -6.83
CA LEU A 247 -4.25 -6.39 -7.18
C LEU A 247 -4.22 -7.37 -6.02
N TYR A 248 -3.52 -7.02 -4.94
CA TYR A 248 -3.41 -7.90 -3.79
C TYR A 248 -4.23 -7.46 -2.59
N ASN A 249 -5.23 -6.62 -2.83
CA ASN A 249 -6.11 -6.11 -1.79
C ASN A 249 -5.33 -5.76 -0.53
N CYS A 250 -4.26 -4.97 -0.69
CA CYS A 250 -3.47 -4.59 0.46
C CYS A 250 -3.45 -3.08 0.65
N ILE A 251 -3.01 -2.65 1.82
CA ILE A 251 -2.92 -1.23 2.15
C ILE A 251 -1.56 -0.69 1.76
N VAL A 252 -1.53 0.49 1.15
CA VAL A 252 -0.26 1.11 0.83
C VAL A 252 -0.27 2.40 1.64
N LEU A 253 0.72 2.53 2.54
CA LEU A 253 0.85 3.69 3.41
C LEU A 253 2.14 4.44 3.06
N VAL A 254 2.05 5.76 2.88
CA VAL A 254 3.26 6.54 2.57
C VAL A 254 3.38 7.78 3.44
N THR A 255 4.61 8.24 3.65
CA THR A 255 4.81 9.46 4.42
C THR A 255 5.39 10.49 3.46
N ASN A 256 5.18 11.76 3.78
CA ASN A 256 5.66 12.81 2.91
C ASN A 256 6.16 13.99 3.77
N GLN A 257 7.25 14.62 3.36
CA GLN A 257 7.78 15.76 4.08
C GLN A 257 7.10 17.02 3.55
N VAL A 258 7.36 18.16 4.18
CA VAL A 258 6.74 19.41 3.76
C VAL A 258 7.75 20.50 3.40
N ALA A 259 7.24 21.58 2.83
CA ALA A 259 8.06 22.72 2.42
C ALA A 259 7.20 23.98 2.56
N ALA A 260 7.86 25.12 2.76
CA ALA A 260 7.15 26.38 2.93
C ALA A 260 6.23 26.71 1.75
N LYS A 261 5.14 27.40 2.06
CA LYS A 261 4.12 27.83 1.10
C LYS A 261 3.73 26.78 0.06
N ALA A 269 0.88 27.25 5.86
CA ALA A 269 2.25 27.81 5.68
C ALA A 269 3.20 26.77 5.09
N GLU A 270 2.73 25.53 5.02
CA GLU A 270 3.53 24.44 4.46
C GLU A 270 2.64 23.52 3.64
N GLN A 271 3.27 22.75 2.74
CA GLN A 271 2.52 21.81 1.91
C GLN A 271 3.37 20.59 1.58
N ALA A 272 2.70 19.46 1.37
CA ALA A 272 3.38 18.22 1.04
C ALA A 272 4.08 18.36 -0.30
N ILE A 273 5.31 17.84 -0.37
CA ILE A 273 6.06 17.89 -1.62
C ILE A 273 5.60 16.72 -2.48
N GLY A 274 6.26 16.53 -3.63
CA GLY A 274 5.88 15.44 -4.52
C GLY A 274 5.11 15.91 -5.74
N GLY A 275 4.72 17.19 -5.76
CA GLY A 275 4.01 17.72 -6.91
C GLY A 275 2.64 17.10 -7.18
N HIS A 276 2.19 17.26 -8.42
CA HIS A 276 0.88 16.76 -8.85
C HIS A 276 0.79 15.24 -8.96
N VAL A 277 1.90 14.62 -9.33
CA VAL A 277 1.94 13.17 -9.46
C VAL A 277 1.55 12.49 -8.16
N VAL A 278 2.09 12.97 -7.04
CA VAL A 278 1.76 12.39 -5.74
C VAL A 278 0.36 12.87 -5.35
N GLY A 279 0.05 14.12 -5.68
CA GLY A 279 -1.26 14.67 -5.36
C GLY A 279 -2.40 13.83 -5.93
N HIS A 280 -2.30 13.50 -7.21
CA HIS A 280 -3.31 12.71 -7.91
C HIS A 280 -3.31 11.24 -7.49
N ALA A 281 -2.11 10.66 -7.37
CA ALA A 281 -1.98 9.25 -7.04
C ALA A 281 -2.49 8.81 -5.67
N ALA A 282 -2.33 9.67 -4.66
CA ALA A 282 -2.78 9.32 -3.32
C ALA A 282 -4.30 9.47 -3.20
N THR A 283 -4.96 8.42 -2.72
CA THR A 283 -6.41 8.46 -2.57
C THR A 283 -6.83 9.25 -1.33
N PHE A 284 -6.11 9.08 -0.23
CA PHE A 284 -6.39 9.80 1.01
C PHE A 284 -5.13 10.60 1.36
N ARG A 285 -5.30 11.87 1.70
CA ARG A 285 -4.16 12.71 2.06
C ARG A 285 -4.38 13.40 3.40
N PHE A 286 -3.41 13.25 4.29
CA PHE A 286 -3.45 13.86 5.62
C PHE A 286 -2.32 14.83 5.87
N PHE A 287 -2.58 15.82 6.72
CA PHE A 287 -1.59 16.78 7.16
C PHE A 287 -1.51 16.55 8.66
N LEU A 288 -0.32 16.24 9.16
CA LEU A 288 -0.10 16.02 10.58
C LEU A 288 0.58 17.25 11.15
N ARG A 289 0.12 17.72 12.31
CA ARG A 289 0.74 18.88 12.94
C ARG A 289 0.81 18.66 14.44
N LYS A 290 1.78 19.30 15.09
CA LYS A 290 1.93 19.15 16.54
C LYS A 290 1.06 20.12 17.33
N SER A 291 0.65 19.68 18.51
CA SER A 291 -0.15 20.49 19.41
C SER A 291 0.60 20.51 20.73
N LYS A 292 -0.11 20.80 21.82
CA LYS A 292 0.54 20.84 23.12
C LYS A 292 1.02 19.47 23.57
N GLY A 293 2.29 19.40 23.93
CA GLY A 293 2.88 18.15 24.41
C GLY A 293 2.83 16.99 23.43
N ASP A 294 2.38 15.85 23.94
CA ASP A 294 2.29 14.61 23.16
C ASP A 294 1.10 14.59 22.21
N LYS A 295 0.32 15.68 22.19
CA LYS A 295 -0.85 15.79 21.33
C LYS A 295 -0.45 16.07 19.88
N ARG A 296 -1.27 15.56 18.97
CA ARG A 296 -1.05 15.74 17.54
C ARG A 296 -2.41 15.88 16.86
N VAL A 297 -2.44 16.55 15.71
CA VAL A 297 -3.68 16.68 14.97
C VAL A 297 -3.47 16.14 13.56
N ALA A 298 -4.43 15.34 13.09
CA ALA A 298 -4.38 14.75 11.77
C ALA A 298 -5.52 15.34 10.97
N LYS A 299 -5.19 16.09 9.93
CA LYS A 299 -6.19 16.73 9.10
C LYS A 299 -6.35 16.04 7.74
N LEU A 300 -7.51 15.45 7.51
CA LEU A 300 -7.77 14.81 6.22
C LEU A 300 -8.19 15.97 5.31
N TYR A 301 -7.41 16.23 4.28
CA TYR A 301 -7.75 17.32 3.37
C TYR A 301 -8.06 16.86 1.95
N ASP A 302 -8.05 15.54 1.73
CA ASP A 302 -8.35 15.01 0.39
C ASP A 302 -8.76 13.54 0.46
N SER A 303 -9.87 13.22 -0.21
CA SER A 303 -10.41 11.87 -0.29
C SER A 303 -11.53 11.92 -1.32
N PRO A 304 -11.88 10.76 -1.91
CA PRO A 304 -12.95 10.76 -2.92
C PRO A 304 -14.39 10.84 -2.38
N HIS A 305 -14.59 10.50 -1.11
CA HIS A 305 -15.95 10.53 -0.57
C HIS A 305 -16.11 10.99 0.88
N LEU A 306 -15.03 11.42 1.52
CA LEU A 306 -15.10 11.89 2.90
C LEU A 306 -14.84 13.38 2.98
N PRO A 307 -15.55 14.08 3.88
CA PRO A 307 -15.34 15.52 4.03
C PRO A 307 -14.03 15.81 4.74
N ASP A 308 -13.53 17.03 4.63
CA ASP A 308 -12.31 17.40 5.33
C ASP A 308 -12.63 17.28 6.79
N SER A 309 -11.70 16.76 7.58
CA SER A 309 -11.94 16.61 9.01
C SER A 309 -10.65 16.44 9.78
N GLU A 310 -10.70 16.77 11.07
CA GLU A 310 -9.54 16.67 11.94
C GLU A 310 -9.74 15.67 13.06
N ALA A 311 -8.65 15.02 13.45
CA ALA A 311 -8.66 14.06 14.53
C ALA A 311 -7.49 14.37 15.46
N VAL A 312 -7.74 14.37 16.76
CA VAL A 312 -6.72 14.63 17.75
C VAL A 312 -6.25 13.29 18.31
N PHE A 313 -4.93 13.11 18.41
CA PHE A 313 -4.40 11.87 18.96
C PHE A 313 -3.10 12.18 19.71
N ARG A 314 -2.58 11.17 20.41
CA ARG A 314 -1.36 11.34 21.18
C ARG A 314 -0.33 10.29 20.80
N ILE A 315 0.94 10.60 21.06
CA ILE A 315 2.03 9.67 20.82
C ILE A 315 2.63 9.46 22.20
N THR A 316 2.52 8.24 22.72
CA THR A 316 3.04 7.96 24.05
C THR A 316 3.95 6.74 24.03
N GLU A 317 4.31 6.27 25.22
CA GLU A 317 5.16 5.10 25.36
C GLU A 317 4.48 3.89 24.76
N LYS A 318 3.15 3.86 24.80
CA LYS A 318 2.40 2.74 24.25
C LYS A 318 2.35 2.82 22.73
N GLY A 319 2.37 4.05 22.21
CA GLY A 319 2.31 4.25 20.77
C GLY A 319 1.25 5.28 20.48
N ILE A 320 0.41 5.01 19.49
CA ILE A 320 -0.66 5.94 19.13
C ILE A 320 -1.92 5.60 19.93
N GLN A 321 -2.50 6.60 20.59
CA GLN A 321 -3.74 6.38 21.33
C GLN A 321 -4.66 7.59 21.34
N ASP A 322 -5.87 7.36 21.86
CA ASP A 322 -6.96 8.34 21.97
C ASP A 322 -8.00 8.10 20.89
#